data_9OD5
#
_entry.id   9OD5
#
_entity_poly.entity_id   1
_entity_poly.type   'polyribonucleotide'
_entity_poly.pdbx_seq_one_letter_code
;CUCCUUCUAAUUAUUAAAAGGAG
;
_entity_poly.pdbx_strand_id   A
#